data_7SPR
#
_entry.id   7SPR
#
_cell.length_a   48.053
_cell.length_b   48.996
_cell.length_c   110.804
_cell.angle_alpha   90.000
_cell.angle_beta   90.000
_cell.angle_gamma   90.000
#
_symmetry.space_group_name_H-M   'P 21 21 21'
#
loop_
_entity.id
_entity.type
_entity.pdbx_description
1 polymer 'LIP1, secretory lipase (Family 3)'
2 branched 2-acetamido-2-deoxy-beta-D-glucopyranose-(1-4)-2-acetamido-2-deoxy-beta-D-glucopyranose
3 water water
#
_entity_poly.entity_id   1
_entity_poly.type   'polypeptide(L)'
_entity_poly.pdbx_seq_one_letter_code
;CGSSTDPPVPNPYNTKEISLAAGLVQQTYCDSTENGLKIGDSELLYTMGEGYARQRVNIYHSPSLGIAVAIEGTNLFSLN
SDLHDAKFWQEDPNERYIQYYPKGTKLMHGFQQAYNDLMDDIFTAVKKYKKEKNEKRVTVIGHSLGAAVALLCAMDIELR
MDGGLYKTYLFGLPRLGNCTFASFVDQKIGDKFHSIINGRDWVPTVPPRALGYQHPSDYVWIYPGNSTSAKLYPGQENVH
GILTVAREFNNDDHQGIYFHTQIGAVRGECPAQVGAH
;
_entity_poly.pdbx_strand_id   A
#
loop_
_chem_comp.id
_chem_comp.type
_chem_comp.name
_chem_comp.formula
NAG D-saccharide, beta linking 2-acetamido-2-deoxy-beta-D-glucopyranose 'C8 H15 N O6'
#
# COMPACT_ATOMS: atom_id res chain seq x y z
N CYS A 1 -10.95 -15.39 -13.39
CA CYS A 1 -9.96 -14.33 -13.60
CA CYS A 1 -9.95 -14.36 -13.58
C CYS A 1 -8.68 -14.86 -14.25
N GLY A 2 -8.08 -14.01 -15.06
CA GLY A 2 -6.92 -14.41 -15.83
C GLY A 2 -5.61 -14.13 -15.12
N SER A 3 -4.54 -14.54 -15.78
CA SER A 3 -3.19 -14.26 -15.34
C SER A 3 -2.39 -13.78 -16.54
N SER A 4 -1.76 -12.63 -16.41
CA SER A 4 -1.05 -12.03 -17.53
C SER A 4 0.17 -12.86 -17.91
N THR A 5 0.42 -12.95 -19.22
CA THR A 5 1.61 -13.62 -19.74
C THR A 5 2.58 -12.64 -20.39
N ASP A 6 2.36 -11.32 -20.21
CA ASP A 6 3.24 -10.30 -20.79
C ASP A 6 4.67 -10.50 -20.28
N PRO A 7 5.68 -10.50 -21.14
CA PRO A 7 7.06 -10.54 -20.66
C PRO A 7 7.36 -9.32 -19.80
N PRO A 8 8.26 -9.47 -18.82
CA PRO A 8 8.68 -8.32 -18.00
C PRO A 8 9.32 -7.23 -18.86
N VAL A 9 9.24 -6.00 -18.37
CA VAL A 9 9.79 -4.83 -19.05
C VAL A 9 10.60 -4.04 -18.03
N PRO A 10 11.41 -3.05 -18.45
CA PRO A 10 12.19 -2.30 -17.46
C PRO A 10 11.29 -1.58 -16.46
N ASN A 11 11.83 -1.33 -15.29
CA ASN A 11 11.13 -0.52 -14.27
C ASN A 11 11.01 0.94 -14.71
N PRO A 12 9.81 1.46 -14.96
CA PRO A 12 9.69 2.87 -15.38
C PRO A 12 9.37 3.82 -14.24
N TYR A 13 9.26 3.32 -13.00
CA TYR A 13 8.80 4.16 -11.90
C TYR A 13 9.91 5.07 -11.42
N ASN A 14 9.50 6.17 -10.81
CA ASN A 14 10.46 7.14 -10.25
C ASN A 14 11.06 6.57 -8.98
N THR A 15 12.33 6.16 -9.04
CA THR A 15 12.92 5.51 -7.88
C THR A 15 13.22 6.50 -6.76
N LYS A 16 13.33 7.80 -7.07
CA LYS A 16 13.47 8.78 -6.00
C LYS A 16 12.16 8.93 -5.24
N GLU A 17 11.02 8.86 -5.93
CA GLU A 17 9.72 8.90 -5.26
C GLU A 17 9.46 7.62 -4.47
N ILE A 18 9.88 6.47 -4.99
CA ILE A 18 9.74 5.22 -4.23
C ILE A 18 10.58 5.28 -2.95
N SER A 19 11.83 5.71 -3.07
CA SER A 19 12.70 5.86 -1.91
C SER A 19 12.08 6.78 -0.86
N LEU A 20 11.51 7.91 -1.31
CA LEU A 20 10.84 8.82 -0.39
C LEU A 20 9.63 8.17 0.26
N ALA A 21 8.76 7.57 -0.55
CA ALA A 21 7.55 6.96 -0.01
C ALA A 21 7.88 5.85 0.98
N ALA A 22 8.96 5.11 0.73
CA ALA A 22 9.38 4.07 1.67
C ALA A 22 9.70 4.67 3.04
N GLY A 23 10.41 5.79 3.06
CA GLY A 23 10.71 6.44 4.32
C GLY A 23 9.47 7.01 5.00
N LEU A 24 8.55 7.58 4.21
CA LEU A 24 7.34 8.13 4.80
C LEU A 24 6.52 7.06 5.50
N VAL A 25 6.51 5.84 4.97
CA VAL A 25 5.74 4.79 5.64
C VAL A 25 6.56 4.09 6.74
N GLN A 26 7.87 3.98 6.59
CA GLN A 26 8.67 3.49 7.72
C GLN A 26 8.43 4.34 8.96
N GLN A 27 8.28 5.65 8.78
CA GLN A 27 8.10 6.55 9.92
C GLN A 27 6.79 6.26 10.67
N THR A 28 5.78 5.67 9.99
CA THR A 28 4.55 5.37 10.73
C THR A 28 4.73 4.23 11.71
N TYR A 29 5.84 3.50 11.64
CA TYR A 29 6.14 2.51 12.66
C TYR A 29 6.82 3.12 13.87
N CYS A 30 7.02 4.43 13.87
CA CYS A 30 7.78 5.15 14.89
C CYS A 30 6.88 6.12 15.63
N ASP A 31 7.26 6.46 16.86
CA ASP A 31 6.60 7.56 17.53
C ASP A 31 6.77 8.83 16.70
N SER A 32 5.66 9.42 16.29
CA SER A 32 5.67 10.51 15.31
C SER A 32 5.02 11.77 15.89
N THR A 33 5.37 12.11 17.12
CA THR A 33 4.75 13.25 17.80
C THR A 33 5.59 14.53 17.70
N GLU A 34 6.74 14.47 17.02
CA GLU A 34 7.62 15.63 16.95
C GLU A 34 7.09 16.64 15.96
N ASN A 35 7.07 17.91 16.37
CA ASN A 35 6.56 18.99 15.53
C ASN A 35 7.49 19.18 14.33
N GLY A 36 6.93 19.07 13.12
CA GLY A 36 7.67 19.42 11.92
C GLY A 36 8.84 18.50 11.63
N LEU A 37 8.78 17.25 12.09
CA LEU A 37 9.76 16.26 11.68
C LEU A 37 9.88 16.24 10.17
N LYS A 38 11.11 16.15 9.67
CA LYS A 38 11.38 16.17 8.24
C LYS A 38 11.87 14.80 7.81
N ILE A 39 11.18 14.19 6.84
CA ILE A 39 11.55 12.90 6.26
C ILE A 39 11.73 13.10 4.76
N GLY A 40 12.97 12.98 4.30
CA GLY A 40 13.24 13.31 2.91
C GLY A 40 12.87 14.75 2.66
N ASP A 41 12.13 15.01 1.59
CA ASP A 41 11.72 16.37 1.26
C ASP A 41 10.45 16.80 2.00
N SER A 42 9.88 15.93 2.84
CA SER A 42 8.54 16.10 3.38
C SER A 42 8.56 16.53 4.84
N GLU A 43 7.51 17.23 5.24
CA GLU A 43 7.29 17.69 6.61
C GLU A 43 6.11 16.94 7.19
N LEU A 44 6.29 16.35 8.37
CA LEU A 44 5.18 15.69 9.08
C LEU A 44 4.22 16.75 9.62
N LEU A 45 2.94 16.63 9.26
CA LEU A 45 1.92 17.59 9.67
C LEU A 45 1.02 17.09 10.77
N TYR A 46 0.75 15.78 10.83
CA TYR A 46 -0.31 15.24 11.66
C TYR A 46 -0.11 13.74 11.79
N THR A 47 -0.48 13.20 12.95
CA THR A 47 -0.43 11.77 13.16
C THR A 47 -1.67 11.29 13.91
N MET A 48 -2.17 10.10 13.56
CA MET A 48 -3.30 9.47 14.23
C MET A 48 -2.93 8.03 14.59
N GLY A 49 -3.64 7.46 15.57
CA GLY A 49 -3.46 6.04 15.91
C GLY A 49 -2.09 5.73 16.53
N GLU A 50 -1.84 4.45 16.76
CA GLU A 50 -0.66 4.04 17.54
C GLU A 50 0.00 2.75 17.04
N GLY A 51 -0.78 1.68 16.89
CA GLY A 51 -0.22 0.38 16.57
C GLY A 51 -1.08 -0.78 17.03
N TYR A 52 -1.62 -0.69 18.25
CA TYR A 52 -2.67 -1.59 18.70
C TYR A 52 -4.03 -1.04 18.28
N ALA A 53 -4.99 -1.94 18.11
CA ALA A 53 -6.35 -1.58 17.68
C ALA A 53 -6.40 -0.92 16.30
N ARG A 54 -5.68 0.18 16.08
CA ARG A 54 -5.74 0.91 14.82
C ARG A 54 -4.32 1.14 14.30
N GLN A 55 -4.18 1.20 12.98
CA GLN A 55 -2.88 1.50 12.40
C GLN A 55 -2.55 2.99 12.55
N ARG A 56 -1.30 3.29 12.86
CA ARG A 56 -0.84 4.67 12.83
C ARG A 56 -0.91 5.23 11.40
N VAL A 57 -1.39 6.46 11.28
CA VAL A 57 -1.45 7.16 10.01
C VAL A 57 -0.71 8.48 10.18
N ASN A 58 0.27 8.74 9.31
CA ASN A 58 0.98 10.01 9.27
C ASN A 58 0.57 10.78 8.03
N ILE A 59 0.38 12.09 8.18
CA ILE A 59 0.10 13.01 7.08
C ILE A 59 1.27 13.97 6.93
N TYR A 60 1.79 14.08 5.71
CA TYR A 60 2.94 14.93 5.42
C TYR A 60 2.60 15.91 4.32
N HIS A 61 3.37 16.98 4.21
CA HIS A 61 3.41 17.74 2.97
C HIS A 61 4.76 17.59 2.28
N SER A 62 4.71 17.29 0.99
CA SER A 62 5.89 17.00 0.21
C SER A 62 5.83 17.83 -1.07
N PRO A 63 6.90 18.52 -1.45
CA PRO A 63 6.90 19.18 -2.76
C PRO A 63 6.74 18.20 -3.93
N SER A 64 7.17 16.94 -3.79
CA SER A 64 7.04 16.03 -4.92
C SER A 64 5.77 15.21 -4.86
N LEU A 65 5.24 14.93 -3.68
CA LEU A 65 4.11 14.04 -3.55
C LEU A 65 2.84 14.74 -3.07
N GLY A 66 2.92 16.01 -2.67
CA GLY A 66 1.74 16.70 -2.19
C GLY A 66 1.38 16.32 -0.77
N ILE A 67 0.09 16.22 -0.46
CA ILE A 67 -0.33 15.73 0.85
C ILE A 67 -0.18 14.22 0.82
N ALA A 68 0.78 13.70 1.59
CA ALA A 68 1.09 12.28 1.58
C ALA A 68 0.49 11.65 2.83
N VAL A 69 -0.36 10.64 2.63
CA VAL A 69 -0.96 9.85 3.71
C VAL A 69 -0.21 8.51 3.75
N ALA A 70 0.38 8.18 4.89
CA ALA A 70 1.09 6.91 5.04
C ALA A 70 0.46 6.10 6.16
N ILE A 71 0.29 4.78 5.91
CA ILE A 71 -0.46 3.89 6.79
C ILE A 71 0.43 2.73 7.22
N GLU A 72 0.63 2.60 8.54
CA GLU A 72 1.42 1.55 9.16
C GLU A 72 0.80 0.19 8.91
N GLY A 73 1.64 -0.85 8.90
CA GLY A 73 1.15 -2.18 8.59
C GLY A 73 1.41 -3.22 9.66
N THR A 74 1.15 -2.90 10.93
CA THR A 74 1.49 -3.83 11.99
C THR A 74 0.51 -5.00 12.06
N ASN A 75 0.91 -6.03 12.79
CA ASN A 75 0.18 -7.31 12.87
C ASN A 75 -1.00 -7.19 13.82
N LEU A 76 -1.97 -6.35 13.43
CA LEU A 76 -3.25 -6.34 14.11
C LEU A 76 -3.82 -7.74 14.19
N PHE A 77 -3.82 -8.44 13.05
CA PHE A 77 -3.98 -9.87 12.95
C PHE A 77 -2.84 -10.42 12.11
N SER A 78 -2.76 -11.73 12.01
CA SER A 78 -1.66 -12.36 11.28
C SER A 78 -2.19 -12.87 9.93
N LEU A 79 -1.40 -12.63 8.88
CA LEU A 79 -1.69 -13.24 7.58
C LEU A 79 -1.20 -14.66 7.44
N ASN A 80 -0.53 -15.23 8.43
CA ASN A 80 -0.20 -16.65 8.39
C ASN A 80 -1.06 -17.43 9.37
N SER A 81 -2.35 -17.07 9.46
CA SER A 81 -3.27 -17.70 10.39
CA SER A 81 -3.26 -17.72 10.39
C SER A 81 -4.25 -18.59 9.62
N ASP A 82 -5.21 -19.15 10.33
CA ASP A 82 -6.24 -20.00 9.73
C ASP A 82 -7.06 -19.21 8.74
N LEU A 83 -7.09 -19.66 7.48
CA LEU A 83 -7.72 -18.89 6.42
C LEU A 83 -9.24 -19.02 6.40
N HIS A 84 -9.82 -19.96 7.14
CA HIS A 84 -11.27 -20.00 7.28
C HIS A 84 -11.78 -18.91 8.20
N ASP A 85 -10.89 -18.27 8.95
CA ASP A 85 -11.30 -17.28 9.91
C ASP A 85 -11.93 -16.08 9.22
N ALA A 86 -12.90 -15.47 9.89
CA ALA A 86 -13.73 -14.41 9.33
C ALA A 86 -12.91 -13.24 8.80
N LYS A 87 -11.67 -13.06 9.28
CA LYS A 87 -10.84 -11.96 8.80
C LYS A 87 -10.66 -12.03 7.28
N PHE A 88 -10.63 -13.23 6.72
CA PHE A 88 -10.32 -13.44 5.32
C PHE A 88 -11.56 -13.55 4.45
N TRP A 89 -12.75 -13.47 5.03
CA TRP A 89 -13.98 -13.55 4.24
C TRP A 89 -14.14 -12.36 3.30
N GLN A 90 -14.68 -12.63 2.11
CA GLN A 90 -15.05 -11.57 1.19
C GLN A 90 -16.37 -10.93 1.64
N GLU A 91 -16.48 -9.62 1.41
CA GLU A 91 -17.71 -8.92 1.79
C GLU A 91 -17.92 -7.75 0.84
N ASP A 92 -19.15 -7.24 0.84
CA ASP A 92 -19.49 -6.07 0.02
C ASP A 92 -18.71 -4.84 0.49
N PRO A 93 -18.52 -3.86 -0.40
CA PRO A 93 -18.01 -2.56 0.03
C PRO A 93 -18.90 -1.97 1.12
N ASN A 94 -18.27 -1.27 2.04
CA ASN A 94 -18.97 -0.56 3.11
C ASN A 94 -20.00 0.42 2.55
N GLU A 95 -21.06 0.64 3.33
CA GLU A 95 -22.16 1.52 2.92
C GLU A 95 -21.70 2.95 2.65
N ARG A 96 -20.59 3.39 3.25
CA ARG A 96 -20.09 4.74 3.00
C ARG A 96 -19.80 5.00 1.54
N TYR A 97 -19.39 3.97 0.80
CA TYR A 97 -18.92 4.19 -0.56
C TYR A 97 -19.36 3.10 -1.53
N ILE A 98 -20.27 2.21 -1.13
CA ILE A 98 -20.66 1.12 -2.03
C ILE A 98 -21.25 1.65 -3.33
N GLN A 99 -21.84 2.86 -3.32
CA GLN A 99 -22.49 3.39 -4.52
C GLN A 99 -21.48 3.65 -5.65
N TYR A 100 -20.19 3.68 -5.35
CA TYR A 100 -19.17 3.97 -6.34
C TYR A 100 -18.58 2.73 -6.98
N TYR A 101 -18.93 1.54 -6.51
CA TYR A 101 -18.26 0.32 -6.96
C TYR A 101 -19.17 -0.50 -7.88
N PRO A 102 -18.60 -1.16 -8.87
CA PRO A 102 -19.41 -1.98 -9.77
C PRO A 102 -20.01 -3.17 -9.04
N LYS A 103 -21.16 -3.61 -9.54
CA LYS A 103 -21.82 -4.79 -8.99
C LYS A 103 -20.85 -5.97 -8.94
N GLY A 104 -20.85 -6.68 -7.81
CA GLY A 104 -20.03 -7.85 -7.65
C GLY A 104 -18.68 -7.61 -6.99
N THR A 105 -18.35 -6.36 -6.69
CA THR A 105 -17.11 -6.04 -5.99
C THR A 105 -17.11 -6.69 -4.60
N LYS A 106 -16.00 -7.32 -4.23
CA LYS A 106 -15.82 -7.86 -2.88
C LYS A 106 -14.44 -7.49 -2.35
N LEU A 107 -14.37 -7.30 -1.03
CA LEU A 107 -13.14 -6.92 -0.33
C LEU A 107 -12.92 -7.84 0.85
N MET A 108 -11.67 -8.02 1.25
CA MET A 108 -11.37 -8.81 2.45
C MET A 108 -11.83 -8.09 3.71
N HIS A 109 -12.57 -8.81 4.56
CA HIS A 109 -13.16 -8.19 5.74
C HIS A 109 -12.11 -7.55 6.64
N GLY A 110 -11.04 -8.27 6.94
CA GLY A 110 -10.04 -7.75 7.87
C GLY A 110 -9.42 -6.44 7.42
N PHE A 111 -9.19 -6.30 6.10
CA PHE A 111 -8.61 -5.08 5.58
C PHE A 111 -9.65 -3.97 5.49
N GLN A 112 -10.87 -4.27 5.02
CA GLN A 112 -11.88 -3.23 4.95
C GLN A 112 -12.20 -2.68 6.33
N GLN A 113 -12.35 -3.57 7.30
CA GLN A 113 -12.62 -3.13 8.67
C GLN A 113 -11.55 -2.17 9.18
N ALA A 114 -10.28 -2.51 8.95
CA ALA A 114 -9.18 -1.64 9.36
C ALA A 114 -9.26 -0.28 8.68
N TYR A 115 -9.59 -0.24 7.39
CA TYR A 115 -9.72 1.05 6.72
C TYR A 115 -10.91 1.82 7.24
N ASN A 116 -12.05 1.14 7.44
CA ASN A 116 -13.25 1.81 7.92
C ASN A 116 -13.05 2.47 9.28
N ASP A 117 -12.17 1.91 10.12
CA ASP A 117 -11.89 2.53 11.41
C ASP A 117 -11.13 3.84 11.26
N LEU A 118 -10.49 4.06 10.10
CA LEU A 118 -9.63 5.20 9.82
C LEU A 118 -10.20 6.20 8.83
N MET A 119 -11.14 5.81 7.95
CA MET A 119 -11.41 6.60 6.76
C MET A 119 -11.92 8.00 7.10
N ASP A 120 -12.81 8.12 8.09
CA ASP A 120 -13.41 9.44 8.31
C ASP A 120 -12.38 10.42 8.87
N ASP A 121 -11.52 9.96 9.77
CA ASP A 121 -10.41 10.79 10.24
C ASP A 121 -9.45 11.14 9.10
N ILE A 122 -9.09 10.16 8.26
CA ILE A 122 -8.19 10.45 7.14
C ILE A 122 -8.81 11.50 6.23
N PHE A 123 -10.08 11.32 5.86
CA PHE A 123 -10.72 12.30 4.98
C PHE A 123 -10.73 13.69 5.60
N THR A 124 -11.04 13.78 6.89
CA THR A 124 -11.11 15.10 7.53
C THR A 124 -9.75 15.76 7.57
N ALA A 125 -8.71 15.00 7.91
CA ALA A 125 -7.37 15.58 8.00
C ALA A 125 -6.82 15.95 6.62
N VAL A 126 -7.04 15.09 5.63
CA VAL A 126 -6.54 15.39 4.29
C VAL A 126 -7.15 16.67 3.75
N LYS A 127 -8.48 16.79 3.85
CA LYS A 127 -9.14 18.01 3.38
C LYS A 127 -8.60 19.25 4.10
N LYS A 128 -8.38 19.15 5.41
CA LYS A 128 -7.82 20.29 6.16
C LYS A 128 -6.47 20.71 5.62
N TYR A 129 -5.56 19.75 5.43
CA TYR A 129 -4.20 20.14 5.05
C TYR A 129 -4.08 20.49 3.56
N LYS A 130 -4.92 19.92 2.69
CA LYS A 130 -4.99 20.44 1.33
C LYS A 130 -5.32 21.93 1.32
N LYS A 131 -6.29 22.35 2.14
CA LYS A 131 -6.67 23.75 2.17
C LYS A 131 -5.55 24.62 2.74
N GLU A 132 -4.96 24.18 3.84
CA GLU A 132 -3.95 24.97 4.53
C GLU A 132 -2.62 25.01 3.80
N LYS A 133 -2.31 24.01 2.98
CA LYS A 133 -1.07 24.03 2.22
C LYS A 133 -1.27 24.43 0.76
N ASN A 134 -2.49 24.79 0.36
CA ASN A 134 -2.78 25.07 -1.05
C ASN A 134 -2.29 23.94 -1.95
N GLU A 135 -2.65 22.72 -1.60
CA GLU A 135 -2.15 21.52 -2.26
C GLU A 135 -3.27 20.69 -2.86
N LYS A 136 -3.18 20.42 -4.17
CA LYS A 136 -4.20 19.63 -4.84
C LYS A 136 -3.87 18.15 -4.91
N ARG A 137 -2.59 17.79 -4.78
CA ARG A 137 -2.14 16.41 -4.92
C ARG A 137 -2.28 15.64 -3.61
N VAL A 138 -2.81 14.43 -3.70
CA VAL A 138 -2.90 13.53 -2.55
C VAL A 138 -2.24 12.22 -2.93
N THR A 139 -1.23 11.81 -2.17
CA THR A 139 -0.55 10.54 -2.38
C THR A 139 -0.81 9.63 -1.18
N VAL A 140 -1.14 8.36 -1.44
CA VAL A 140 -1.44 7.40 -0.39
C VAL A 140 -0.38 6.30 -0.42
N ILE A 141 0.18 5.99 0.75
CA ILE A 141 1.31 5.06 0.87
C ILE A 141 1.00 4.02 1.95
N GLY A 142 1.39 2.77 1.70
CA GLY A 142 1.25 1.76 2.73
C GLY A 142 2.25 0.63 2.59
N HIS A 143 2.47 -0.09 3.71
CA HIS A 143 3.34 -1.24 3.75
C HIS A 143 2.64 -2.38 4.47
N SER A 144 2.76 -3.59 3.93
CA SER A 144 2.30 -4.82 4.60
C SER A 144 0.77 -4.76 4.74
N LEU A 145 0.22 -5.06 5.91
CA LEU A 145 -1.21 -4.88 6.13
C LEU A 145 -1.65 -3.48 5.76
N GLY A 146 -0.79 -2.49 6.04
CA GLY A 146 -1.04 -1.10 5.69
C GLY A 146 -1.10 -0.82 4.21
N ALA A 147 -0.44 -1.63 3.38
CA ALA A 147 -0.53 -1.42 1.95
C ALA A 147 -1.92 -1.80 1.44
N ALA A 148 -2.52 -2.85 2.00
CA ALA A 148 -3.88 -3.21 1.59
C ALA A 148 -4.86 -2.14 2.04
N VAL A 149 -4.69 -1.64 3.28
CA VAL A 149 -5.53 -0.53 3.72
C VAL A 149 -5.31 0.69 2.83
N ALA A 150 -4.04 0.99 2.51
CA ALA A 150 -3.73 2.16 1.67
C ALA A 150 -4.32 2.03 0.27
N LEU A 151 -4.36 0.81 -0.28
CA LEU A 151 -4.95 0.64 -1.60
C LEU A 151 -6.44 0.99 -1.54
N LEU A 152 -7.14 0.50 -0.50
CA LEU A 152 -8.54 0.85 -0.36
C LEU A 152 -8.71 2.35 -0.18
N CYS A 153 -7.84 2.96 0.63
CA CYS A 153 -7.88 4.42 0.82
C CYS A 153 -7.64 5.17 -0.49
N ALA A 154 -6.64 4.73 -1.27
CA ALA A 154 -6.37 5.37 -2.55
C ALA A 154 -7.57 5.36 -3.47
N MET A 155 -8.25 4.21 -3.57
CA MET A 155 -9.49 4.15 -4.36
C MET A 155 -10.55 5.08 -3.79
N ASP A 156 -10.71 5.07 -2.46
CA ASP A 156 -11.70 5.93 -1.82
C ASP A 156 -11.46 7.40 -2.14
N ILE A 157 -10.19 7.82 -2.08
CA ILE A 157 -9.85 9.20 -2.45
C ILE A 157 -10.17 9.49 -3.91
N GLU A 158 -9.79 8.60 -4.82
CA GLU A 158 -10.10 8.84 -6.23
C GLU A 158 -11.61 8.94 -6.45
N LEU A 159 -12.39 8.12 -5.75
CA LEU A 159 -13.84 8.03 -6.01
C LEU A 159 -14.61 9.15 -5.33
N ARG A 160 -14.21 9.53 -4.11
CA ARG A 160 -15.05 10.31 -3.20
C ARG A 160 -14.52 11.66 -2.82
N MET A 161 -13.22 11.92 -2.96
CA MET A 161 -12.65 13.19 -2.56
C MET A 161 -12.50 14.08 -3.78
N ASP A 162 -12.92 15.34 -3.63
CA ASP A 162 -12.75 16.32 -4.70
C ASP A 162 -11.28 16.42 -5.08
N GLY A 163 -11.00 16.38 -6.38
CA GLY A 163 -9.64 16.35 -6.89
C GLY A 163 -9.05 14.96 -7.05
N GLY A 164 -9.59 13.95 -6.35
CA GLY A 164 -9.13 12.59 -6.53
C GLY A 164 -7.70 12.36 -6.06
N LEU A 165 -7.11 11.28 -6.61
CA LEU A 165 -5.81 10.77 -6.21
C LEU A 165 -4.69 11.25 -7.14
N TYR A 166 -3.53 11.55 -6.56
CA TYR A 166 -2.35 11.82 -7.38
C TYR A 166 -1.59 10.53 -7.66
N LYS A 167 -1.09 9.87 -6.61
CA LYS A 167 -0.34 8.63 -6.77
C LYS A 167 -0.55 7.74 -5.56
N THR A 168 -0.34 6.44 -5.73
CA THR A 168 -0.27 5.55 -4.57
C THR A 168 0.97 4.67 -4.69
N TYR A 169 1.70 4.53 -3.58
CA TYR A 169 2.89 3.71 -3.52
C TYR A 169 2.65 2.66 -2.45
N LEU A 170 2.78 1.38 -2.83
CA LEU A 170 2.38 0.26 -1.99
C LEU A 170 3.51 -0.73 -1.94
N PHE A 171 3.92 -1.10 -0.72
CA PHE A 171 5.09 -1.94 -0.46
C PHE A 171 4.64 -3.24 0.18
N GLY A 172 5.06 -4.38 -0.40
CA GLY A 172 4.65 -5.67 0.17
C GLY A 172 3.13 -5.82 0.28
N LEU A 173 2.44 -5.52 -0.81
CA LEU A 173 0.98 -5.45 -0.85
C LEU A 173 0.31 -6.82 -0.82
N PRO A 174 -0.52 -7.12 0.17
CA PRO A 174 -1.35 -8.32 0.12
C PRO A 174 -2.48 -8.17 -0.90
N ARG A 175 -3.09 -9.29 -1.28
CA ARG A 175 -4.28 -9.16 -2.08
C ARG A 175 -5.38 -8.58 -1.20
N LEU A 176 -6.26 -7.80 -1.82
CA LEU A 176 -7.31 -7.08 -1.09
C LEU A 176 -8.72 -7.45 -1.53
N GLY A 177 -8.96 -7.58 -2.83
CA GLY A 177 -10.31 -7.78 -3.29
C GLY A 177 -10.42 -8.84 -4.38
N ASN A 178 -11.60 -9.02 -4.95
CA ASN A 178 -11.81 -10.08 -5.91
C ASN A 178 -11.50 -9.58 -7.33
N CYS A 179 -11.77 -10.43 -8.33
N CYS A 179 -11.87 -10.35 -8.34
CA CYS A 179 -11.52 -10.12 -9.73
CA CYS A 179 -11.44 -10.04 -9.70
C CYS A 179 -12.12 -8.77 -10.13
C CYS A 179 -12.17 -8.81 -10.24
N THR A 180 -13.39 -8.56 -9.76
CA THR A 180 -14.09 -7.32 -10.09
C THR A 180 -13.40 -6.11 -9.46
N PHE A 181 -13.02 -6.21 -8.19
CA PHE A 181 -12.28 -5.14 -7.54
C PHE A 181 -10.97 -4.85 -8.28
N ALA A 182 -10.19 -5.90 -8.54
CA ALA A 182 -8.89 -5.73 -9.19
C ALA A 182 -9.02 -4.98 -10.50
N SER A 183 -10.00 -5.34 -11.32
CA SER A 183 -10.14 -4.65 -12.59
C SER A 183 -10.66 -3.23 -12.41
N PHE A 184 -11.44 -2.99 -11.36
CA PHE A 184 -11.89 -1.61 -11.09
C PHE A 184 -10.73 -0.73 -10.62
N VAL A 185 -9.78 -1.28 -9.85
CA VAL A 185 -8.56 -0.53 -9.56
C VAL A 185 -7.86 -0.13 -10.85
N ASP A 186 -7.67 -1.08 -11.76
CA ASP A 186 -7.00 -0.73 -13.03
C ASP A 186 -7.74 0.41 -13.73
N GLN A 187 -9.07 0.31 -13.80
CA GLN A 187 -9.89 1.28 -14.51
C GLN A 187 -9.81 2.68 -13.88
N LYS A 188 -9.82 2.75 -12.56
CA LYS A 188 -9.90 4.02 -11.85
C LYS A 188 -8.54 4.65 -11.57
N ILE A 189 -7.52 3.86 -11.20
CA ILE A 189 -6.23 4.43 -10.79
C ILE A 189 -5.05 3.69 -11.39
N GLY A 190 -5.27 2.95 -12.47
CA GLY A 190 -4.19 2.15 -13.03
C GLY A 190 -2.93 2.93 -13.36
N ASP A 191 -3.09 4.16 -13.86
CA ASP A 191 -1.92 4.97 -14.20
C ASP A 191 -1.26 5.59 -12.98
N LYS A 192 -1.88 5.45 -11.79
CA LYS A 192 -1.40 6.07 -10.56
C LYS A 192 -0.90 5.02 -9.57
N PHE A 193 -1.00 3.74 -9.92
CA PHE A 193 -0.83 2.61 -8.99
C PHE A 193 0.60 2.12 -9.09
N HIS A 194 1.31 2.08 -7.95
CA HIS A 194 2.69 1.61 -7.93
C HIS A 194 2.81 0.59 -6.81
N SER A 195 2.97 -0.69 -7.17
CA SER A 195 3.13 -1.77 -6.21
C SER A 195 4.55 -2.30 -6.31
N ILE A 196 5.26 -2.31 -5.19
CA ILE A 196 6.68 -2.66 -5.13
C ILE A 196 6.83 -3.91 -4.28
N ILE A 197 7.53 -4.92 -4.81
CA ILE A 197 7.77 -6.18 -4.10
C ILE A 197 9.27 -6.40 -3.99
N ASN A 198 9.74 -6.73 -2.81
CA ASN A 198 11.16 -6.94 -2.57
C ASN A 198 11.48 -8.43 -2.41
N GLY A 199 12.32 -8.97 -3.30
CA GLY A 199 13.01 -10.22 -3.00
C GLY A 199 12.09 -11.41 -2.92
N ARG A 200 12.20 -12.17 -1.83
CA ARG A 200 11.44 -13.40 -1.64
C ARG A 200 10.19 -13.20 -0.79
N ASP A 201 9.74 -11.95 -0.62
CA ASP A 201 8.60 -11.63 0.23
C ASP A 201 7.38 -12.49 -0.08
N TRP A 202 6.81 -13.07 0.98
CA TRP A 202 5.64 -13.93 0.86
C TRP A 202 4.32 -13.18 0.96
N VAL A 203 4.31 -11.98 1.55
CA VAL A 203 3.04 -11.29 1.82
C VAL A 203 2.23 -11.03 0.56
N PRO A 204 2.80 -10.68 -0.59
CA PRO A 204 1.97 -10.51 -1.80
C PRO A 204 1.31 -11.78 -2.31
N THR A 205 1.58 -12.94 -1.71
CA THR A 205 0.93 -14.18 -2.11
C THR A 205 -0.29 -14.51 -1.24
N VAL A 206 -0.64 -13.67 -0.28
CA VAL A 206 -1.78 -13.97 0.59
C VAL A 206 -2.72 -12.76 0.63
N PRO A 207 -4.03 -12.96 0.85
CA PRO A 207 -4.72 -14.26 0.86
C PRO A 207 -4.65 -14.93 -0.52
N PRO A 208 -4.82 -16.25 -0.58
CA PRO A 208 -4.58 -16.97 -1.83
C PRO A 208 -5.63 -16.70 -2.89
N ARG A 209 -5.23 -16.89 -4.15
CA ARG A 209 -6.17 -16.78 -5.26
C ARG A 209 -7.32 -17.79 -5.14
N ALA A 210 -7.05 -18.94 -4.52
CA ALA A 210 -8.10 -19.94 -4.31
C ALA A 210 -9.27 -19.42 -3.49
N LEU A 211 -9.09 -18.35 -2.72
CA LEU A 211 -10.17 -17.75 -1.96
C LEU A 211 -10.90 -16.65 -2.73
N GLY A 212 -10.56 -16.45 -4.00
CA GLY A 212 -11.23 -15.46 -4.82
C GLY A 212 -10.54 -14.13 -4.91
N TYR A 213 -9.29 -14.02 -4.44
CA TYR A 213 -8.60 -12.73 -4.40
C TYR A 213 -7.66 -12.59 -5.59
N GLN A 214 -7.53 -11.36 -6.08
CA GLN A 214 -6.81 -11.04 -7.31
C GLN A 214 -6.10 -9.71 -7.15
N HIS A 215 -4.81 -9.63 -7.56
CA HIS A 215 -4.13 -8.34 -7.53
C HIS A 215 -4.57 -7.47 -8.71
N PRO A 216 -4.50 -6.15 -8.58
CA PRO A 216 -4.60 -5.28 -9.76
C PRO A 216 -3.37 -5.45 -10.65
N SER A 217 -3.42 -4.79 -11.81
CA SER A 217 -2.35 -4.91 -12.81
C SER A 217 -1.07 -4.25 -12.34
N ASP A 218 0.06 -4.91 -12.68
CA ASP A 218 1.43 -4.38 -12.63
C ASP A 218 2.05 -4.41 -11.24
N TYR A 219 3.30 -4.83 -11.17
CA TYR A 219 4.11 -4.53 -9.99
C TYR A 219 5.56 -4.49 -10.43
N VAL A 220 6.38 -3.79 -9.64
CA VAL A 220 7.83 -3.78 -9.83
C VAL A 220 8.43 -4.69 -8.77
N TRP A 221 9.22 -5.66 -9.22
CA TRP A 221 9.80 -6.67 -8.36
C TRP A 221 11.29 -6.45 -8.30
N ILE A 222 11.79 -6.12 -7.11
CA ILE A 222 13.22 -5.98 -6.86
C ILE A 222 13.82 -7.35 -6.65
N TYR A 223 14.71 -7.76 -7.55
CA TYR A 223 15.36 -9.04 -7.34
C TYR A 223 16.79 -9.02 -7.86
N PRO A 224 17.77 -9.46 -7.06
CA PRO A 224 17.60 -9.98 -5.70
C PRO A 224 17.10 -8.91 -4.71
N GLY A 225 16.58 -9.35 -3.57
CA GLY A 225 16.07 -8.40 -2.60
C GLY A 225 17.14 -7.44 -2.15
N ASN A 226 16.73 -6.19 -1.88
CA ASN A 226 17.56 -5.09 -1.41
C ASN A 226 18.51 -4.56 -2.47
N SER A 227 18.44 -5.05 -3.71
CA SER A 227 19.29 -4.57 -4.79
C SER A 227 18.57 -3.46 -5.56
N THR A 228 19.25 -2.91 -6.55
CA THR A 228 18.61 -1.95 -7.46
C THR A 228 18.24 -2.57 -8.80
N SER A 229 18.33 -3.89 -8.92
CA SER A 229 17.84 -4.58 -10.11
C SER A 229 16.36 -4.86 -9.94
N ALA A 230 15.55 -4.30 -10.83
CA ALA A 230 14.12 -4.43 -10.72
C ALA A 230 13.50 -4.34 -12.10
N LYS A 231 12.42 -5.09 -12.30
CA LYS A 231 11.64 -5.03 -13.54
C LYS A 231 10.17 -4.89 -13.20
N LEU A 232 9.41 -4.47 -14.21
CA LEU A 232 7.97 -4.38 -14.10
C LEU A 232 7.33 -5.61 -14.72
N TYR A 233 6.38 -6.20 -14.01
CA TYR A 233 5.67 -7.38 -14.48
C TYR A 233 4.24 -6.97 -14.80
N PRO A 234 3.90 -6.77 -16.06
CA PRO A 234 2.66 -6.10 -16.41
C PRO A 234 1.43 -6.99 -16.27
N GLY A 235 0.29 -6.34 -16.10
CA GLY A 235 -0.97 -7.07 -16.06
C GLY A 235 -1.21 -7.68 -14.69
N GLN A 236 -2.34 -8.39 -14.56
CA GLN A 236 -2.72 -8.94 -13.25
C GLN A 236 -2.07 -10.31 -13.09
N GLU A 237 -1.42 -10.54 -11.94
CA GLU A 237 -0.95 -11.89 -11.59
C GLU A 237 -0.03 -12.47 -12.67
N ASN A 238 0.98 -11.67 -13.05
CA ASN A 238 1.87 -12.06 -14.14
C ASN A 238 2.56 -13.38 -13.84
N VAL A 239 2.45 -14.33 -14.78
CA VAL A 239 2.97 -15.69 -14.55
C VAL A 239 4.50 -15.73 -14.51
N HIS A 240 5.18 -14.69 -14.96
CA HIS A 240 6.64 -14.66 -14.97
C HIS A 240 7.22 -14.01 -13.72
N GLY A 241 6.37 -13.63 -12.76
CA GLY A 241 6.81 -12.87 -11.61
C GLY A 241 7.20 -13.68 -10.39
N ILE A 242 6.71 -13.28 -9.21
CA ILE A 242 7.41 -13.66 -7.98
C ILE A 242 7.38 -15.16 -7.73
N LEU A 243 6.36 -15.87 -8.24
CA LEU A 243 6.30 -17.30 -7.96
C LEU A 243 7.38 -18.09 -8.72
N THR A 244 8.07 -17.48 -9.67
CA THR A 244 9.20 -18.16 -10.28
C THR A 244 10.38 -18.33 -9.33
N VAL A 245 10.39 -17.64 -8.19
CA VAL A 245 11.44 -17.77 -7.18
C VAL A 245 10.78 -18.05 -5.85
N ALA A 246 11.15 -19.18 -5.23
CA ALA A 246 10.48 -19.65 -4.01
C ALA A 246 10.43 -18.56 -2.94
N ARG A 247 9.22 -18.32 -2.42
CA ARG A 247 9.05 -17.39 -1.32
C ARG A 247 9.73 -17.90 -0.06
N GLU A 248 10.09 -16.98 0.82
CA GLU A 248 10.62 -17.31 2.14
C GLU A 248 9.61 -16.83 3.17
N PHE A 249 9.26 -17.69 4.11
CA PHE A 249 8.20 -17.38 5.06
C PHE A 249 8.80 -16.82 6.35
N ASN A 250 9.45 -15.68 6.16
CA ASN A 250 9.86 -14.79 7.23
C ASN A 250 9.71 -13.37 6.70
N ASN A 251 9.98 -12.38 7.54
CA ASN A 251 9.73 -11.00 7.18
C ASN A 251 10.97 -10.23 6.74
N ASP A 252 12.07 -10.94 6.43
CA ASP A 252 13.35 -10.30 6.17
C ASP A 252 13.30 -9.40 4.93
N ASP A 253 13.01 -9.97 3.75
CA ASP A 253 12.88 -9.15 2.55
C ASP A 253 11.66 -8.23 2.61
N HIS A 254 10.58 -8.70 3.23
CA HIS A 254 9.39 -7.87 3.43
C HIS A 254 9.76 -6.57 4.14
N GLN A 255 10.68 -6.65 5.10
CA GLN A 255 11.18 -5.50 5.85
C GLN A 255 12.56 -5.07 5.35
N GLY A 256 12.75 -5.08 4.03
CA GLY A 256 14.05 -4.89 3.43
C GLY A 256 14.30 -3.49 2.93
N ILE A 257 15.18 -3.38 1.94
CA ILE A 257 15.63 -2.10 1.40
C ILE A 257 14.98 -1.90 0.04
N TYR A 258 14.24 -0.81 -0.09
CA TYR A 258 13.51 -0.47 -1.30
C TYR A 258 14.14 0.80 -1.86
N PHE A 259 14.95 0.65 -2.88
CA PHE A 259 15.67 1.76 -3.51
C PHE A 259 16.27 2.69 -2.46
N HIS A 260 17.12 2.08 -1.64
CA HIS A 260 18.03 2.71 -0.68
C HIS A 260 17.34 3.16 0.60
N THR A 261 16.06 2.89 0.79
CA THR A 261 15.39 3.19 2.05
C THR A 261 14.89 1.89 2.68
N GLN A 262 15.28 1.65 3.93
CA GLN A 262 14.84 0.46 4.64
C GLN A 262 13.43 0.65 5.19
N ILE A 263 12.56 -0.31 4.96
CA ILE A 263 11.30 -0.36 5.70
C ILE A 263 11.39 -1.50 6.72
N GLY A 264 12.20 -1.31 7.76
CA GLY A 264 12.40 -2.33 8.78
C GLY A 264 11.24 -2.52 9.75
N ALA A 265 10.26 -1.62 9.74
CA ALA A 265 9.09 -1.68 10.60
C ALA A 265 9.47 -1.45 12.06
N VAL A 266 8.78 -2.12 13.00
CA VAL A 266 8.89 -1.75 14.40
C VAL A 266 10.32 -1.89 14.92
N ARG A 267 11.09 -2.82 14.36
CA ARG A 267 12.52 -2.95 14.63
C ARG A 267 13.37 -2.35 13.52
N GLY A 268 12.89 -1.29 12.87
CA GLY A 268 13.63 -0.58 11.86
C GLY A 268 14.20 0.73 12.37
N GLU A 269 14.45 1.65 11.44
CA GLU A 269 15.03 2.94 11.77
C GLU A 269 13.94 3.92 12.20
N CYS A 270 14.15 4.56 13.36
CA CYS A 270 13.25 5.58 13.88
C CYS A 270 14.10 6.75 14.35
N PRO A 271 13.99 7.93 13.73
CA PRO A 271 13.12 8.20 12.58
C PRO A 271 13.59 7.53 11.29
N ALA A 272 12.71 7.46 10.30
CA ALA A 272 13.08 6.83 9.04
C ALA A 272 14.20 7.62 8.37
N GLN A 273 14.97 6.93 7.51
CA GLN A 273 16.17 7.48 6.86
C GLN A 273 16.06 7.28 5.35
N VAL A 274 15.56 8.29 4.65
CA VAL A 274 15.39 8.20 3.21
C VAL A 274 16.75 8.12 2.54
N GLY A 275 16.96 7.08 1.74
CA GLY A 275 18.16 6.99 0.93
C GLY A 275 19.44 6.66 1.67
N ALA A 276 19.35 6.16 2.90
CA ALA A 276 20.55 5.95 3.71
C ALA A 276 21.28 4.66 3.36
N HIS A 277 20.65 3.72 2.65
CA HIS A 277 21.32 2.45 2.35
C HIS A 277 21.81 2.40 0.90
C1 NAG B . 17.46 -7.17 3.06
C2 NAG B . 17.97 -8.57 3.44
C3 NAG B . 17.24 -9.07 4.69
C4 NAG B . 17.31 -8.04 5.81
C5 NAG B . 16.80 -6.70 5.30
C6 NAG B . 16.90 -5.60 6.34
C7 NAG B . 18.77 -9.91 1.55
C8 NAG B . 18.39 -10.88 0.48
N2 NAG B . 17.78 -9.51 2.35
O3 NAG B . 17.82 -10.31 5.10
O4 NAG B . 16.46 -8.45 6.88
O5 NAG B . 17.57 -6.30 4.18
O6 NAG B . 16.15 -4.45 5.98
O7 NAG B . 19.92 -9.50 1.68
C1 NAG B . 17.19 -8.95 7.99
C2 NAG B . 16.33 -8.74 9.23
C3 NAG B . 17.00 -9.35 10.46
C4 NAG B . 17.36 -10.80 10.21
C5 NAG B . 18.19 -10.92 8.93
C6 NAG B . 18.47 -12.36 8.54
C7 NAG B . 14.80 -6.82 9.45
C8 NAG B . 14.71 -5.32 9.67
N2 NAG B . 16.04 -7.33 9.44
O3 NAG B . 16.12 -9.25 11.57
O4 NAG B . 18.11 -11.34 11.30
O5 NAG B . 17.48 -10.33 7.84
O6 NAG B . 19.45 -12.43 7.52
O7 NAG B . 13.80 -7.51 9.31
#